data_6D9A
#
_entry.id   6D9A
#
_cell.length_a   97.430
_cell.length_b   97.430
_cell.length_c   128.610
_cell.angle_alpha   90.000
_cell.angle_beta   90.000
_cell.angle_gamma   90.000
#
_symmetry.space_group_name_H-M   'P 41 21 2'
#
loop_
_entity.id
_entity.type
_entity.pdbx_description
1 polymer 'UDP-galactopyranose mutase'
2 non-polymer 'SODIUM ION'
3 non-polymer 'DIHYDROFLAVINE-ADENINE DINUCLEOTIDE'
4 non-polymer URIDINE-DIPHOSPHATE-N-ACETYLGALACTOSAMINE
5 non-polymer 'ISOPROPYL ALCOHOL'
6 water water
#
_entity_poly.entity_id   1
_entity_poly.type   'polypeptide(L)'
_entity_poly.pdbx_seq_one_letter_code
;MSDFDLIVVGSGLFGLTVAERAASQLGKKVLIVEKRSHLGGNAYSEAEPETGIEIHKYGAHLFHTSNKRVWDYVNQFTAF
TGYQHRVFAMHNGTAYQFPMGLGLINQFFGRYYTPDEARELIKEQSAEIDSKDATNLEEKAISLIGRPLYEAFIRDYTAK
QWQTDPKELPAGNITRLPVRYNFDNRYFNDTYEGLPVDGYAQWLSNMADHENIEVRLDTDWFEVREDLRAQNPEAPVVYT
GPLDRYFDYSEGHLGWRTLDFETEVLNTGDFQGTPVMNYNDAEFPYTRIHEFRHFHPEREDRHPKDKTVIMKEYSRFAEE
GDEPYYPINTPSDREMLFKYRELADAETESGKVYFGGRLGTYQYLDMHMAIASALSMFDNKLVDALKHHHHHH
;
_entity_poly.pdbx_strand_id   A
#
# COMPACT_ATOMS: atom_id res chain seq x y z
N SER A 2 30.04 -20.77 7.04
CA SER A 2 28.90 -21.10 6.19
C SER A 2 28.84 -20.19 4.97
N ASP A 3 27.89 -20.45 4.07
CA ASP A 3 27.71 -19.62 2.88
C ASP A 3 26.69 -18.54 3.14
N PHE A 4 25.88 -18.77 4.16
CA PHE A 4 24.94 -17.77 4.62
C PHE A 4 24.67 -17.97 6.11
N ASP A 5 24.25 -16.89 6.77
CA ASP A 5 23.95 -16.92 8.19
C ASP A 5 22.47 -16.67 8.43
N LEU A 6 21.81 -16.17 7.40
CA LEU A 6 20.40 -15.83 7.48
C LEU A 6 19.74 -16.06 6.14
N ILE A 7 18.56 -16.68 6.16
CA ILE A 7 17.73 -16.77 4.95
C ILE A 7 16.50 -15.87 5.07
N VAL A 8 16.25 -15.09 4.01
CA VAL A 8 15.09 -14.22 3.96
C VAL A 8 14.20 -14.65 2.78
N VAL A 9 12.99 -15.05 3.11
CA VAL A 9 12.04 -15.41 2.06
C VAL A 9 11.24 -14.18 1.69
N GLY A 10 11.39 -13.73 0.45
CA GLY A 10 10.69 -12.56 -0.05
C GLY A 10 11.64 -11.38 -0.14
N SER A 11 11.51 -10.56 -1.17
CA SER A 11 12.39 -9.40 -1.35
C SER A 11 11.60 -8.07 -1.42
N GLY A 12 10.47 -8.02 -0.73
CA GLY A 12 9.77 -6.76 -0.53
C GLY A 12 10.52 -5.92 0.49
N LEU A 13 9.94 -4.76 0.84
CA LEU A 13 10.59 -3.84 1.76
C LEU A 13 10.91 -4.50 3.08
N PHE A 14 10.00 -5.34 3.58
CA PHE A 14 10.27 -6.01 4.84
C PHE A 14 11.51 -6.90 4.74
N GLY A 15 11.48 -7.88 3.84
CA GLY A 15 12.63 -8.73 3.66
C GLY A 15 13.91 -7.97 3.42
N LEU A 16 13.84 -7.00 2.50
CA LEU A 16 15.02 -6.21 2.16
C LEU A 16 15.59 -5.52 3.39
N THR A 17 14.73 -5.03 4.27
CA THR A 17 15.22 -4.24 5.38
C THR A 17 15.93 -5.15 6.37
N VAL A 18 15.27 -6.24 6.74
CA VAL A 18 15.91 -7.29 7.52
C VAL A 18 17.28 -7.69 6.94
N ALA A 19 17.31 -7.97 5.64
CA ALA A 19 18.53 -8.34 4.93
C ALA A 19 19.64 -7.32 5.12
N GLU A 20 19.38 -6.09 4.68
CA GLU A 20 20.36 -5.01 4.73
C GLU A 20 20.90 -4.82 6.15
N ARG A 21 20.02 -4.80 7.14
CA ARG A 21 20.47 -4.63 8.52
C ARG A 21 21.40 -5.75 8.93
N ALA A 22 21.00 -7.01 8.71
CA ALA A 22 21.88 -8.14 9.01
C ALA A 22 23.24 -8.02 8.29
N ALA A 23 23.22 -7.72 6.99
CA ALA A 23 24.46 -7.60 6.24
C ALA A 23 25.36 -6.46 6.73
N SER A 24 24.81 -5.26 6.88
CA SER A 24 25.66 -4.11 7.16
C SER A 24 25.96 -3.93 8.64
N GLN A 25 25.09 -4.42 9.51
CA GLN A 25 25.22 -4.07 10.93
C GLN A 25 25.82 -5.21 11.71
N LEU A 26 25.47 -6.41 11.34
CA LEU A 26 25.98 -7.60 12.02
C LEU A 26 27.04 -8.29 11.20
N GLY A 27 27.29 -7.74 10.01
CA GLY A 27 28.17 -8.35 9.03
C GLY A 27 27.88 -9.80 8.61
N LYS A 28 26.64 -10.27 8.80
CA LYS A 28 26.29 -11.66 8.44
C LYS A 28 26.06 -11.86 6.94
N LYS A 29 26.29 -13.09 6.47
CA LYS A 29 25.97 -13.49 5.10
C LYS A 29 24.46 -13.79 4.95
N VAL A 30 23.83 -13.14 3.99
CA VAL A 30 22.39 -13.24 3.88
C VAL A 30 22.00 -13.76 2.52
N LEU A 31 21.25 -14.86 2.52
CA LEU A 31 20.64 -15.32 1.29
C LEU A 31 19.19 -14.87 1.19
N ILE A 32 18.86 -14.12 0.14
CA ILE A 32 17.47 -13.78 -0.14
C ILE A 32 16.93 -14.65 -1.25
N VAL A 33 15.82 -15.30 -0.92
CA VAL A 33 15.07 -16.11 -1.86
C VAL A 33 13.78 -15.43 -2.32
N GLU A 34 13.66 -15.11 -3.61
CA GLU A 34 12.44 -14.50 -4.14
C GLU A 34 11.75 -15.34 -5.23
N LYS A 35 10.45 -15.54 -5.07
CA LYS A 35 9.61 -16.28 -6.03
C LYS A 35 9.48 -15.59 -7.42
N ARG A 36 9.24 -14.29 -7.45
CA ARG A 36 9.05 -13.55 -8.71
C ARG A 36 10.35 -13.40 -9.49
N SER A 37 10.25 -12.71 -10.63
CA SER A 37 11.40 -12.50 -11.50
C SER A 37 12.22 -11.28 -11.09
N HIS A 38 11.66 -10.43 -10.23
CA HIS A 38 12.26 -9.15 -9.88
C HIS A 38 12.40 -8.95 -8.37
N LEU A 39 13.32 -8.06 -7.96
CA LEU A 39 13.38 -7.55 -6.58
C LEU A 39 12.34 -6.51 -6.26
N GLY A 40 11.81 -6.52 -5.04
CA GLY A 40 11.02 -5.38 -4.60
C GLY A 40 9.68 -5.68 -3.98
N GLY A 41 9.10 -6.81 -4.32
CA GLY A 41 7.74 -7.08 -3.89
C GLY A 41 6.84 -6.07 -4.57
N ASN A 42 5.78 -5.69 -3.90
CA ASN A 42 4.73 -4.95 -4.55
C ASN A 42 5.08 -3.48 -4.77
N ALA A 43 6.16 -3.03 -4.16
CA ALA A 43 6.67 -1.68 -4.39
C ALA A 43 7.41 -1.53 -5.72
N TYR A 44 7.79 -2.66 -6.32
CA TYR A 44 8.47 -2.67 -7.62
C TYR A 44 7.79 -1.83 -8.73
N SER A 45 8.61 -1.06 -9.45
CA SER A 45 8.21 -0.32 -10.65
C SER A 45 9.09 -0.69 -11.85
N GLU A 46 8.55 -0.53 -13.05
CA GLU A 46 9.38 -0.67 -14.25
C GLU A 46 8.93 0.29 -15.32
N ALA A 47 9.72 0.45 -16.36
CA ALA A 47 9.36 1.37 -17.44
C ALA A 47 8.38 0.70 -18.40
N GLU A 48 7.28 1.36 -18.71
CA GLU A 48 6.47 0.92 -19.84
C GLU A 48 7.34 1.04 -21.10
N PRO A 49 7.36 -0.03 -21.93
CA PRO A 49 8.28 -0.16 -23.06
C PRO A 49 8.11 0.89 -24.18
N GLU A 50 6.88 1.17 -24.59
CA GLU A 50 6.65 2.14 -25.66
C GLU A 50 7.16 3.55 -25.30
N THR A 51 6.75 4.04 -24.14
CA THR A 51 7.01 5.43 -23.73
C THR A 51 8.28 5.64 -22.88
N GLY A 52 8.67 4.60 -22.15
CA GLY A 52 9.74 4.69 -21.18
C GLY A 52 9.32 5.25 -19.81
N ILE A 53 8.03 5.50 -19.63
CA ILE A 53 7.54 6.08 -18.39
C ILE A 53 7.45 5.01 -17.29
N GLU A 54 7.95 5.33 -16.09
CA GLU A 54 7.89 4.44 -14.92
C GLU A 54 6.46 4.22 -14.48
N ILE A 55 6.08 2.96 -14.29
CA ILE A 55 4.74 2.60 -13.80
C ILE A 55 4.89 1.62 -12.65
N HIS A 56 3.89 1.56 -11.78
CA HIS A 56 3.93 0.60 -10.70
C HIS A 56 2.90 -0.47 -11.02
N LYS A 57 3.32 -1.72 -11.12
CA LYS A 57 2.41 -2.77 -11.59
C LYS A 57 1.70 -3.47 -10.46
N TYR A 58 1.97 -3.05 -9.23
CA TYR A 58 1.22 -3.56 -8.08
C TYR A 58 0.50 -2.40 -7.39
N GLY A 59 0.14 -1.39 -8.17
CA GLY A 59 -0.61 -0.27 -7.65
C GLY A 59 0.32 0.91 -7.49
N ALA A 60 -0.21 2.13 -7.57
CA ALA A 60 0.61 3.32 -7.38
C ALA A 60 1.17 3.38 -5.94
N HIS A 61 2.46 3.68 -5.83
CA HIS A 61 3.11 3.81 -4.53
C HIS A 61 3.65 5.21 -4.23
N LEU A 62 3.00 5.87 -3.28
CA LEU A 62 3.41 7.19 -2.84
C LEU A 62 4.09 7.07 -1.47
N PHE A 63 5.34 7.53 -1.35
CA PHE A 63 6.06 7.38 -0.09
C PHE A 63 5.90 8.59 0.85
N HIS A 64 5.57 8.32 2.11
CA HIS A 64 5.29 9.39 3.07
C HIS A 64 5.47 8.92 4.52
N THR A 65 6.17 9.69 5.33
CA THR A 65 6.28 9.30 6.71
C THR A 65 6.52 10.50 7.62
N SER A 66 6.25 10.29 8.90
CA SER A 66 6.58 11.23 9.96
C SER A 66 7.52 10.54 10.94
N ASN A 67 8.03 9.38 10.52
CA ASN A 67 8.99 8.65 11.33
C ASN A 67 10.44 8.95 10.90
N LYS A 68 11.15 9.77 11.67
CA LYS A 68 12.44 10.26 11.23
C LYS A 68 13.42 9.10 11.05
N ARG A 69 13.28 8.09 11.89
CA ARG A 69 14.16 6.95 11.83
C ARG A 69 14.04 6.28 10.46
N VAL A 70 12.80 5.95 10.07
CA VAL A 70 12.59 5.38 8.76
C VAL A 70 13.12 6.30 7.66
N TRP A 71 12.88 7.59 7.79
CA TRP A 71 13.23 8.52 6.72
C TRP A 71 14.74 8.60 6.47
N ASP A 72 15.50 8.61 7.57
CA ASP A 72 16.94 8.71 7.49
C ASP A 72 17.53 7.46 6.90
N TYR A 73 16.98 6.34 7.36
CA TYR A 73 17.28 5.03 6.81
C TYR A 73 17.11 4.98 5.29
N VAL A 74 15.90 5.22 4.79
CA VAL A 74 15.69 5.05 3.37
C VAL A 74 16.50 6.03 2.54
N ASN A 75 17.02 7.09 3.12
CA ASN A 75 17.73 8.02 2.26
C ASN A 75 19.16 7.59 2.07
N GLN A 76 19.54 6.58 2.85
CA GLN A 76 20.79 5.86 2.66
C GLN A 76 20.80 5.22 1.28
N PHE A 77 19.64 4.73 0.86
CA PHE A 77 19.53 3.96 -0.37
C PHE A 77 19.00 4.73 -1.57
N THR A 78 18.45 5.90 -1.33
CA THR A 78 17.92 6.70 -2.41
C THR A 78 17.57 8.10 -1.97
N ALA A 79 17.62 9.03 -2.93
CA ALA A 79 17.14 10.38 -2.74
C ALA A 79 15.66 10.46 -3.13
N PHE A 80 14.93 11.43 -2.58
CA PHE A 80 13.51 11.57 -2.93
C PHE A 80 13.25 12.90 -3.62
N THR A 81 12.17 12.97 -4.37
CA THR A 81 11.80 14.22 -5.00
C THR A 81 10.89 15.00 -4.07
N GLY A 82 10.60 16.23 -4.44
CA GLY A 82 9.78 17.06 -3.60
C GLY A 82 8.31 16.86 -3.87
N TYR A 83 8.00 15.85 -4.68
CA TYR A 83 6.64 15.52 -5.04
C TYR A 83 5.73 15.56 -3.82
N GLN A 84 4.62 16.27 -3.96
CA GLN A 84 3.57 16.25 -2.94
C GLN A 84 2.32 15.70 -3.60
N HIS A 85 1.78 14.66 -3.01
CA HIS A 85 0.62 14.05 -3.58
C HIS A 85 -0.65 14.88 -3.47
N ARG A 86 -1.34 15.04 -4.59
CA ARG A 86 -2.68 15.63 -4.58
C ARG A 86 -3.64 14.82 -5.46
N VAL A 87 -4.91 14.84 -5.07
CA VAL A 87 -5.95 14.04 -5.70
C VAL A 87 -7.12 14.92 -6.05
N PHE A 88 -7.71 14.69 -7.22
CA PHE A 88 -8.97 15.34 -7.62
C PHE A 88 -10.06 14.27 -7.75
N ALA A 89 -11.31 14.66 -7.48
CA ALA A 89 -12.44 13.71 -7.47
C ALA A 89 -13.53 14.06 -8.50
N MET A 90 -13.76 13.10 -9.40
CA MET A 90 -14.68 13.30 -10.53
C MET A 90 -16.09 12.88 -10.19
N HIS A 91 -17.02 13.80 -10.37
CA HIS A 91 -18.43 13.61 -10.01
C HIS A 91 -19.34 14.53 -10.83
N ASN A 92 -20.19 13.89 -11.65
CA ASN A 92 -21.13 14.59 -12.53
C ASN A 92 -20.45 15.52 -13.50
N GLY A 93 -19.33 15.07 -14.07
CA GLY A 93 -18.66 15.80 -15.13
C GLY A 93 -17.80 16.94 -14.64
N THR A 94 -17.55 16.96 -13.35
CA THR A 94 -16.71 18.00 -12.77
C THR A 94 -15.61 17.39 -11.89
N ALA A 95 -14.39 17.89 -12.09
CA ALA A 95 -13.27 17.54 -11.23
C ALA A 95 -13.33 18.41 -9.97
N TYR A 96 -13.57 17.78 -8.82
CA TYR A 96 -13.64 18.51 -7.57
C TYR A 96 -12.30 18.45 -6.84
N GLN A 97 -11.96 19.56 -6.18
CA GLN A 97 -10.84 19.57 -5.25
C GLN A 97 -11.10 18.53 -4.17
N PHE A 98 -10.03 17.89 -3.74
CA PHE A 98 -10.12 16.77 -2.80
C PHE A 98 -8.88 16.77 -1.91
N PRO A 99 -8.98 16.24 -0.68
CA PRO A 99 -10.19 15.78 0.00
C PRO A 99 -11.15 16.91 0.37
N MET A 100 -12.19 16.55 1.12
CA MET A 100 -13.23 17.50 1.50
C MET A 100 -12.72 18.63 2.36
N GLY A 101 -12.85 19.84 1.82
CA GLY A 101 -12.40 21.04 2.49
C GLY A 101 -13.10 22.21 1.84
N LEU A 102 -12.70 23.43 2.20
CA LEU A 102 -13.29 24.65 1.66
C LEU A 102 -13.32 24.64 0.14
N GLY A 103 -12.29 24.08 -0.47
CA GLY A 103 -12.25 23.89 -1.91
C GLY A 103 -13.43 23.11 -2.46
N LEU A 104 -13.58 21.86 -2.04
CA LEU A 104 -14.70 21.05 -2.51
C LEU A 104 -16.04 21.68 -2.14
N ILE A 105 -16.15 22.16 -0.90
CA ILE A 105 -17.39 22.74 -0.39
C ILE A 105 -17.87 23.86 -1.29
N ASN A 106 -16.96 24.75 -1.68
CA ASN A 106 -17.31 25.81 -2.60
C ASN A 106 -17.89 25.25 -3.91
N GLN A 107 -17.18 24.34 -4.57
CA GLN A 107 -17.61 23.86 -5.88
C GLN A 107 -18.97 23.14 -5.87
N PHE A 108 -19.28 22.54 -4.73
CA PHE A 108 -20.40 21.62 -4.64
C PHE A 108 -21.65 22.33 -4.12
N PHE A 109 -21.48 23.19 -3.13
CA PHE A 109 -22.61 23.92 -2.55
C PHE A 109 -22.86 25.28 -3.21
N GLY A 110 -22.02 25.67 -4.17
CA GLY A 110 -22.32 26.82 -5.00
C GLY A 110 -21.59 28.13 -4.75
N ARG A 111 -21.14 28.38 -3.53
CA ARG A 111 -20.39 29.61 -3.24
C ARG A 111 -19.32 29.36 -2.14
N TYR A 112 -18.54 30.41 -1.80
CA TYR A 112 -17.46 30.28 -0.81
C TYR A 112 -17.97 30.33 0.62
N TYR A 113 -17.46 29.42 1.44
CA TYR A 113 -17.75 29.42 2.85
C TYR A 113 -16.47 29.70 3.58
N THR A 114 -16.51 30.66 4.48
CA THR A 114 -15.38 30.91 5.34
C THR A 114 -15.18 29.67 6.21
N PRO A 115 -13.98 29.53 6.80
CA PRO A 115 -13.76 28.35 7.64
C PRO A 115 -14.87 28.19 8.66
N ASP A 116 -15.24 29.28 9.37
CA ASP A 116 -16.33 29.21 10.35
C ASP A 116 -17.66 28.87 9.70
N GLU A 117 -17.95 29.54 8.58
CA GLU A 117 -19.13 29.24 7.77
C GLU A 117 -19.24 27.75 7.40
N ALA A 118 -18.11 27.10 7.13
CA ALA A 118 -18.16 25.70 6.71
C ALA A 118 -18.37 24.73 7.87
N ARG A 119 -17.75 25.05 9.02
CA ARG A 119 -18.00 24.26 10.24
C ARG A 119 -19.48 24.21 10.56
N GLU A 120 -20.11 25.39 10.48
CA GLU A 120 -21.54 25.53 10.68
C GLU A 120 -22.31 24.73 9.62
N LEU A 121 -21.96 24.90 8.35
CA LEU A 121 -22.52 24.11 7.27
C LEU A 121 -22.51 22.62 7.55
N ILE A 122 -21.36 22.11 7.97
CA ILE A 122 -21.25 20.71 8.30
C ILE A 122 -22.10 20.33 9.52
N LYS A 123 -22.17 21.22 10.52
CA LYS A 123 -22.96 20.94 11.72
C LYS A 123 -24.42 20.63 11.39
N GLU A 124 -25.03 21.47 10.56
CA GLU A 124 -26.39 21.24 10.06
C GLU A 124 -26.51 19.99 9.20
N GLN A 125 -25.83 20.01 8.06
CA GLN A 125 -25.80 18.89 7.14
C GLN A 125 -25.73 17.52 7.82
N SER A 126 -25.02 17.45 8.94
CA SER A 126 -24.66 16.17 9.57
C SER A 126 -25.41 15.85 10.85
N ALA A 127 -26.33 16.73 11.21
CA ALA A 127 -27.01 16.62 12.49
C ALA A 127 -28.20 15.66 12.41
N GLU A 128 -28.49 15.17 11.20
CA GLU A 128 -29.53 14.16 11.02
C GLU A 128 -29.30 12.95 11.94
N ILE A 129 -28.23 12.21 11.71
CA ILE A 129 -27.87 11.10 12.58
C ILE A 129 -26.74 11.52 13.51
N ASP A 130 -26.84 11.10 14.77
CA ASP A 130 -25.72 11.36 15.68
C ASP A 130 -24.85 10.14 15.78
N SER A 131 -23.55 10.41 15.88
CA SER A 131 -22.53 9.43 15.55
C SER A 131 -22.53 8.20 16.46
N LYS A 132 -23.20 8.30 17.61
CA LYS A 132 -23.22 7.18 18.56
C LYS A 132 -24.40 6.23 18.31
N ASP A 133 -25.30 6.61 17.40
CA ASP A 133 -26.53 5.85 17.15
C ASP A 133 -26.56 5.32 15.73
N ALA A 134 -25.36 5.28 15.13
CA ALA A 134 -25.14 4.78 13.79
C ALA A 134 -24.83 3.29 13.83
N THR A 135 -25.39 2.53 12.88
CA THR A 135 -25.27 1.06 12.86
C THR A 135 -24.35 0.50 11.76
N ASN A 136 -24.47 1.04 10.54
CA ASN A 136 -23.57 0.66 9.45
C ASN A 136 -22.78 1.82 8.89
N LEU A 137 -22.17 1.62 7.73
CA LEU A 137 -21.25 2.60 7.16
C LEU A 137 -21.95 3.83 6.59
N GLU A 138 -23.02 3.61 5.84
CA GLU A 138 -23.83 4.69 5.31
C GLU A 138 -24.28 5.63 6.42
N GLU A 139 -24.78 5.08 7.51
CA GLU A 139 -25.21 5.88 8.65
C GLU A 139 -24.06 6.69 9.26
N LYS A 140 -22.97 6.01 9.55
CA LYS A 140 -21.84 6.60 10.25
C LYS A 140 -21.27 7.79 9.48
N ALA A 141 -21.32 7.67 8.16
CA ALA A 141 -20.82 8.71 7.28
C ALA A 141 -21.72 9.91 7.31
N ILE A 142 -23.01 9.65 7.10
CA ILE A 142 -24.01 10.70 7.07
C ILE A 142 -23.99 11.42 8.41
N SER A 143 -23.83 10.64 9.49
CA SER A 143 -23.81 11.21 10.83
C SER A 143 -22.66 12.21 11.00
N LEU A 144 -21.62 12.07 10.17
CA LEU A 144 -20.43 12.92 10.24
C LEU A 144 -20.44 14.06 9.22
N ILE A 145 -20.91 13.79 8.00
CA ILE A 145 -20.90 14.84 7.01
C ILE A 145 -22.25 15.09 6.32
N GLY A 146 -23.25 14.26 6.58
CA GLY A 146 -24.57 14.47 6.00
C GLY A 146 -24.77 13.80 4.65
N ARG A 147 -26.01 13.76 4.16
CA ARG A 147 -26.35 13.00 2.95
C ARG A 147 -25.83 13.56 1.62
N PRO A 148 -26.00 14.87 1.37
CA PRO A 148 -25.58 15.39 0.06
C PRO A 148 -24.12 15.05 -0.28
N LEU A 149 -23.21 15.28 0.66
CA LEU A 149 -21.80 14.96 0.52
C LEU A 149 -21.57 13.45 0.50
N TYR A 150 -22.12 12.74 1.48
CA TYR A 150 -21.99 11.28 1.52
C TYR A 150 -22.41 10.64 0.21
N GLU A 151 -23.54 11.05 -0.33
CA GLU A 151 -24.08 10.39 -1.51
C GLU A 151 -23.28 10.73 -2.77
N ALA A 152 -22.67 11.92 -2.79
CA ALA A 152 -21.94 12.37 -3.98
C ALA A 152 -20.49 11.89 -4.00
N PHE A 153 -19.86 11.74 -2.85
CA PHE A 153 -18.42 11.51 -2.84
C PHE A 153 -17.97 10.24 -2.16
N ILE A 154 -18.91 9.54 -1.53
CA ILE A 154 -18.55 8.38 -0.77
C ILE A 154 -19.33 7.14 -1.17
N ARG A 155 -20.63 7.29 -1.38
CA ARG A 155 -21.50 6.15 -1.56
C ARG A 155 -21.01 5.19 -2.65
N ASP A 156 -21.00 5.65 -3.90
CA ASP A 156 -20.62 4.77 -5.01
C ASP A 156 -19.15 4.38 -4.96
N TYR A 157 -18.30 5.31 -4.54
CA TYR A 157 -16.87 5.05 -4.47
C TYR A 157 -16.61 3.90 -3.50
N THR A 158 -17.16 3.98 -2.31
CA THR A 158 -16.99 2.92 -1.32
C THR A 158 -17.55 1.61 -1.85
N ALA A 159 -18.71 1.67 -2.50
CA ALA A 159 -19.38 0.45 -2.91
C ALA A 159 -18.56 -0.24 -3.99
N LYS A 160 -17.97 0.55 -4.88
CA LYS A 160 -17.04 0.02 -5.89
C LYS A 160 -15.83 -0.68 -5.26
N GLN A 161 -15.24 -0.04 -4.27
CA GLN A 161 -14.02 -0.54 -3.68
C GLN A 161 -14.26 -1.83 -2.92
N TRP A 162 -15.41 -1.96 -2.28
CA TRP A 162 -15.69 -3.16 -1.49
C TRP A 162 -16.70 -4.16 -2.13
N GLN A 163 -17.22 -3.86 -3.31
CA GLN A 163 -18.29 -4.66 -3.93
C GLN A 163 -19.45 -4.95 -2.97
N THR A 164 -20.06 -3.90 -2.41
CA THR A 164 -21.06 -4.06 -1.34
C THR A 164 -21.84 -2.77 -1.08
N ASP A 165 -23.12 -2.89 -0.73
CA ASP A 165 -23.88 -1.72 -0.30
C ASP A 165 -23.40 -1.27 1.07
N PRO A 166 -23.02 0.00 1.19
CA PRO A 166 -22.50 0.63 2.41
C PRO A 166 -23.36 0.40 3.65
N LYS A 167 -24.69 0.26 3.48
CA LYS A 167 -25.57 -0.12 4.60
C LYS A 167 -25.18 -1.47 5.18
N GLU A 168 -24.42 -2.24 4.40
CA GLU A 168 -24.01 -3.56 4.83
C GLU A 168 -22.55 -3.57 5.27
N LEU A 169 -22.10 -2.47 5.84
CA LEU A 169 -20.72 -2.39 6.27
C LEU A 169 -20.62 -1.88 7.68
N PRO A 170 -19.70 -2.45 8.46
CA PRO A 170 -19.44 -2.06 9.85
C PRO A 170 -19.38 -0.55 10.00
N ALA A 171 -20.11 0.01 10.96
CA ALA A 171 -20.02 1.45 11.20
C ALA A 171 -18.61 1.85 11.68
N GLY A 172 -17.83 0.88 12.14
CA GLY A 172 -16.50 1.13 12.68
C GLY A 172 -15.45 1.61 11.69
N ASN A 173 -15.80 1.63 10.41
CA ASN A 173 -14.84 1.95 9.34
C ASN A 173 -14.65 3.44 9.08
N ILE A 174 -15.49 4.28 9.68
CA ILE A 174 -15.19 5.71 9.69
C ILE A 174 -14.96 6.15 11.14
N THR A 175 -13.80 6.74 11.40
CA THR A 175 -13.44 7.01 12.78
C THR A 175 -13.34 8.52 13.09
N ARG A 176 -12.98 9.32 12.07
CA ARG A 176 -12.96 10.76 12.24
C ARG A 176 -13.60 11.52 11.07
N LEU A 177 -13.81 12.82 11.30
CA LEU A 177 -14.36 13.76 10.33
C LEU A 177 -13.46 13.89 9.10
N PRO A 178 -13.95 13.44 7.96
CA PRO A 178 -13.11 13.63 6.79
C PRO A 178 -13.17 15.04 6.19
N VAL A 179 -13.29 16.09 7.00
CA VAL A 179 -13.39 17.44 6.42
C VAL A 179 -12.37 18.43 6.95
N ARG A 180 -11.78 19.22 6.04
CA ARG A 180 -10.86 20.29 6.40
C ARG A 180 -11.51 21.67 6.29
N TYR A 181 -11.30 22.51 7.28
CA TYR A 181 -11.92 23.82 7.21
C TYR A 181 -10.90 24.86 6.74
N ASN A 182 -10.18 24.50 5.67
CA ASN A 182 -9.25 25.40 4.99
C ASN A 182 -9.10 24.96 3.55
N PHE A 183 -8.19 25.61 2.81
CA PHE A 183 -7.96 25.28 1.42
C PHE A 183 -6.75 24.37 1.19
N ASP A 184 -6.31 23.70 2.24
CA ASP A 184 -5.11 22.91 2.12
C ASP A 184 -5.43 21.53 1.55
N ASN A 185 -4.95 21.24 0.34
CA ASN A 185 -5.27 19.95 -0.29
C ASN A 185 -4.05 19.02 -0.57
N ARG A 186 -2.97 19.16 0.20
CA ARG A 186 -1.99 18.09 0.37
C ARG A 186 -2.73 16.82 0.73
N TYR A 187 -2.46 15.73 0.07
CA TYR A 187 -3.23 14.55 0.37
C TYR A 187 -2.84 13.93 1.71
N PHE A 188 -1.53 13.89 1.97
CA PHE A 188 -1.01 13.26 3.19
C PHE A 188 -0.60 14.34 4.22
N ASN A 189 -0.81 14.06 5.52
CA ASN A 189 -0.41 14.98 6.59
C ASN A 189 0.97 14.69 7.19
N ASP A 190 1.84 13.96 6.50
CA ASP A 190 3.07 13.51 7.13
C ASP A 190 4.28 14.42 6.91
N THR A 191 5.24 14.36 7.82
CA THR A 191 6.41 15.24 7.81
C THR A 191 7.24 15.16 6.52
N TYR A 192 7.50 13.92 6.08
CA TYR A 192 8.35 13.70 4.93
C TYR A 192 7.57 12.99 3.81
N GLU A 193 7.80 13.43 2.58
CA GLU A 193 7.10 12.88 1.43
C GLU A 193 7.88 13.10 0.15
N GLY A 194 7.93 12.05 -0.67
CA GLY A 194 8.52 12.15 -1.99
C GLY A 194 8.48 10.86 -2.78
N LEU A 195 8.97 10.92 -4.00
CA LEU A 195 9.15 9.71 -4.83
C LEU A 195 10.63 9.46 -5.00
N PRO A 196 11.04 8.18 -5.04
CA PRO A 196 12.44 7.82 -5.29
C PRO A 196 12.90 8.39 -6.63
N VAL A 197 14.03 9.09 -6.62
CA VAL A 197 14.43 9.87 -7.76
C VAL A 197 14.67 9.04 -9.01
N ASP A 198 15.33 7.89 -8.85
CA ASP A 198 15.56 6.99 -10.01
C ASP A 198 14.58 5.82 -10.02
N GLY A 199 13.43 6.03 -9.40
CA GLY A 199 12.37 5.03 -9.33
C GLY A 199 12.51 4.01 -8.22
N TYR A 200 11.45 3.25 -7.97
CA TYR A 200 11.48 2.28 -6.90
C TYR A 200 12.47 1.13 -7.11
N ALA A 201 12.47 0.56 -8.33
CA ALA A 201 13.35 -0.55 -8.66
C ALA A 201 14.79 -0.21 -8.31
N GLN A 202 15.22 0.99 -8.70
CA GLN A 202 16.60 1.37 -8.43
C GLN A 202 16.89 1.43 -6.92
N TRP A 203 15.95 2.01 -6.18
CA TRP A 203 16.00 2.07 -4.73
C TRP A 203 16.08 0.66 -4.09
N LEU A 204 15.06 -0.14 -4.36
CA LEU A 204 14.99 -1.50 -3.82
C LEU A 204 16.27 -2.30 -4.09
N SER A 205 16.76 -2.20 -5.32
CA SER A 205 18.00 -2.84 -5.70
C SER A 205 19.19 -2.37 -4.89
N ASN A 206 19.26 -1.08 -4.60
CA ASN A 206 20.36 -0.57 -3.81
C ASN A 206 20.38 -1.17 -2.42
N MET A 207 19.22 -1.47 -1.90
CA MET A 207 19.18 -2.10 -0.59
C MET A 207 19.85 -3.46 -0.59
N ALA A 208 19.66 -4.23 -1.67
CA ALA A 208 20.19 -5.60 -1.76
C ALA A 208 21.62 -5.63 -2.27
N ASP A 209 22.07 -4.50 -2.82
CA ASP A 209 23.44 -4.38 -3.27
C ASP A 209 24.41 -4.29 -2.08
N HIS A 210 24.78 -5.44 -1.53
CA HIS A 210 25.75 -5.49 -0.45
C HIS A 210 26.62 -6.74 -0.62
N GLU A 211 27.91 -6.59 -0.32
CA GLU A 211 28.85 -7.70 -0.50
C GLU A 211 28.49 -8.93 0.33
N ASN A 212 27.51 -8.82 1.21
CA ASN A 212 27.11 -9.94 2.04
C ASN A 212 25.75 -10.50 1.68
N ILE A 213 25.10 -9.92 0.67
CA ILE A 213 23.76 -10.37 0.33
C ILE A 213 23.69 -11.07 -1.02
N GLU A 214 23.24 -12.32 -1.00
CA GLU A 214 23.04 -13.10 -2.22
C GLU A 214 21.56 -13.19 -2.53
N VAL A 215 21.20 -13.03 -3.80
CA VAL A 215 19.79 -13.05 -4.18
C VAL A 215 19.53 -14.04 -5.28
N ARG A 216 18.56 -14.91 -5.03
CA ARG A 216 18.12 -15.87 -6.02
C ARG A 216 16.72 -15.57 -6.48
N LEU A 217 16.61 -14.92 -7.63
CA LEU A 217 15.30 -14.66 -8.20
C LEU A 217 14.69 -15.94 -8.78
N ASP A 218 13.39 -15.90 -9.05
CA ASP A 218 12.65 -17.01 -9.65
C ASP A 218 12.82 -18.30 -8.84
N THR A 219 12.61 -18.21 -7.53
CA THR A 219 12.88 -19.34 -6.63
C THR A 219 11.82 -19.43 -5.54
N ASP A 220 10.95 -20.42 -5.62
CA ASP A 220 9.95 -20.60 -4.57
C ASP A 220 10.59 -21.22 -3.34
N TRP A 221 10.30 -20.69 -2.16
CA TRP A 221 10.94 -21.14 -0.93
C TRP A 221 10.61 -22.60 -0.67
N PHE A 222 9.35 -22.94 -0.87
CA PHE A 222 8.88 -24.27 -0.51
C PHE A 222 9.51 -25.37 -1.35
N GLU A 223 9.96 -25.02 -2.56
CA GLU A 223 10.65 -25.96 -3.44
C GLU A 223 12.10 -26.19 -3.01
N VAL A 224 12.72 -25.20 -2.36
CA VAL A 224 14.12 -25.31 -1.96
C VAL A 224 14.42 -25.24 -0.45
N ARG A 225 13.42 -25.21 0.41
CA ARG A 225 13.68 -25.06 1.84
C ARG A 225 14.48 -26.22 2.44
N GLU A 226 14.11 -27.46 2.12
CA GLU A 226 14.75 -28.61 2.74
C GLU A 226 16.21 -28.64 2.37
N ASP A 227 16.48 -28.25 1.12
CA ASP A 227 17.83 -28.27 0.61
C ASP A 227 18.71 -27.21 1.30
N LEU A 228 18.22 -25.98 1.38
CA LEU A 228 19.03 -24.87 1.86
C LEU A 228 19.24 -24.93 3.36
N ARG A 229 18.25 -25.47 4.08
CA ARG A 229 18.36 -25.49 5.54
C ARG A 229 19.35 -26.59 5.89
N ALA A 230 19.42 -27.58 5.01
CA ALA A 230 20.43 -28.62 5.09
C ALA A 230 21.85 -28.06 5.10
N GLN A 231 22.12 -27.07 4.26
CA GLN A 231 23.47 -26.50 4.11
C GLN A 231 23.94 -25.77 5.38
N ASN A 232 23.04 -25.08 6.07
CA ASN A 232 23.38 -24.55 7.40
C ASN A 232 22.18 -24.60 8.31
N PRO A 233 22.10 -25.67 9.11
CA PRO A 233 20.81 -26.02 9.69
C PRO A 233 20.22 -25.06 10.71
N GLU A 234 21.05 -24.26 11.40
CA GLU A 234 20.46 -23.27 12.28
C GLU A 234 20.99 -21.86 11.99
N ALA A 235 21.08 -21.57 10.68
CA ALA A 235 20.78 -20.26 10.10
C ALA A 235 19.30 -20.07 10.28
N PRO A 236 18.87 -18.93 10.82
CA PRO A 236 17.44 -18.64 11.01
C PRO A 236 16.80 -18.15 9.72
N VAL A 237 15.47 -18.25 9.66
CA VAL A 237 14.72 -17.81 8.49
C VAL A 237 13.72 -16.70 8.82
N VAL A 238 13.77 -15.61 8.07
CA VAL A 238 12.69 -14.63 8.06
C VAL A 238 11.77 -14.92 6.86
N TYR A 239 10.54 -15.29 7.15
CA TYR A 239 9.56 -15.60 6.12
C TYR A 239 8.57 -14.46 5.90
N THR A 240 8.48 -13.95 4.68
CA THR A 240 7.58 -12.85 4.43
C THR A 240 6.55 -13.19 3.38
N GLY A 241 6.40 -14.49 3.12
CA GLY A 241 5.38 -14.99 2.21
C GLY A 241 4.03 -15.10 2.90
N PRO A 242 3.00 -15.59 2.20
CA PRO A 242 1.67 -15.71 2.80
C PRO A 242 1.63 -16.66 4.01
N LEU A 243 1.03 -16.18 5.10
CA LEU A 243 1.03 -16.89 6.37
C LEU A 243 0.26 -18.22 6.33
N ASP A 244 -0.93 -18.20 5.74
CA ASP A 244 -1.73 -19.42 5.64
C ASP A 244 -1.09 -20.46 4.73
N ARG A 245 -0.46 -20.03 3.64
CA ARG A 245 0.19 -20.94 2.69
C ARG A 245 1.36 -21.69 3.34
N TYR A 246 2.04 -21.04 4.28
CA TYR A 246 3.17 -21.64 4.96
C TYR A 246 2.73 -22.92 5.66
N PHE A 247 1.56 -22.85 6.29
CA PHE A 247 0.97 -23.96 7.04
C PHE A 247 -0.11 -24.69 6.22
N ASP A 248 0.07 -24.67 4.90
CA ASP A 248 -0.71 -25.44 3.93
C ASP A 248 -2.23 -25.32 4.12
N TYR A 249 -2.65 -24.10 4.44
CA TYR A 249 -4.06 -23.73 4.63
C TYR A 249 -4.78 -24.68 5.59
N SER A 250 -3.98 -25.30 6.45
CA SER A 250 -4.46 -26.22 7.47
C SER A 250 -5.43 -25.58 8.47
N GLU A 251 -5.75 -24.30 8.29
CA GLU A 251 -6.78 -23.70 9.13
C GLU A 251 -7.73 -22.87 8.29
N GLY A 252 -7.69 -23.09 6.97
CA GLY A 252 -8.56 -22.37 6.04
C GLY A 252 -7.88 -21.24 5.28
N HIS A 253 -8.57 -20.71 4.26
CA HIS A 253 -8.00 -19.69 3.39
C HIS A 253 -8.32 -18.26 3.79
N LEU A 254 -7.27 -17.53 4.15
CA LEU A 254 -7.38 -16.12 4.52
C LEU A 254 -7.91 -15.28 3.36
N GLY A 255 -8.84 -14.39 3.68
CA GLY A 255 -9.58 -13.64 2.67
C GLY A 255 -9.03 -12.28 2.32
N TRP A 256 -8.66 -12.14 1.05
CA TRP A 256 -8.06 -10.91 0.56
C TRP A 256 -8.95 -10.26 -0.48
N ARG A 257 -8.81 -8.94 -0.60
CA ARG A 257 -9.33 -8.21 -1.75
C ARG A 257 -8.21 -8.04 -2.78
N THR A 258 -8.58 -8.06 -4.05
CA THR A 258 -7.58 -7.91 -5.09
C THR A 258 -7.90 -6.72 -5.99
N LEU A 259 -6.98 -6.44 -6.90
CA LEU A 259 -7.06 -5.32 -7.80
C LEU A 259 -6.70 -5.76 -9.19
N ASP A 260 -7.42 -5.21 -10.15
CA ASP A 260 -7.18 -5.49 -11.55
C ASP A 260 -6.78 -4.18 -12.18
N PHE A 261 -5.69 -4.20 -12.95
CA PHE A 261 -5.17 -2.98 -13.56
C PHE A 261 -5.18 -3.00 -15.10
N GLU A 262 -5.99 -2.11 -15.67
CA GLU A 262 -6.08 -1.94 -17.11
C GLU A 262 -5.20 -0.77 -17.59
N THR A 263 -4.12 -1.11 -18.29
CA THR A 263 -3.07 -0.15 -18.64
C THR A 263 -2.93 0.19 -20.12
N GLU A 264 -3.35 1.38 -20.51
CA GLU A 264 -3.33 1.80 -21.91
C GLU A 264 -2.25 2.83 -22.22
N VAL A 265 -1.73 2.82 -23.44
CA VAL A 265 -0.91 3.93 -23.91
C VAL A 265 -1.74 4.78 -24.82
N LEU A 266 -1.99 6.02 -24.43
CA LEU A 266 -2.80 6.90 -25.26
C LEU A 266 -1.90 7.80 -26.07
N ASN A 267 -2.44 8.30 -27.19
CA ASN A 267 -1.66 9.13 -28.09
C ASN A 267 -1.93 10.59 -27.84
N THR A 268 -1.77 10.95 -26.58
CA THR A 268 -1.80 12.33 -26.16
C THR A 268 -0.63 12.52 -25.23
N GLY A 269 -0.13 13.75 -25.15
CA GLY A 269 0.88 14.07 -24.17
C GLY A 269 0.34 14.11 -22.76
N ASP A 270 -0.97 14.32 -22.61
CA ASP A 270 -1.58 14.57 -21.29
C ASP A 270 -3.08 14.26 -21.25
N PHE A 271 -3.45 13.26 -20.47
CA PHE A 271 -4.82 12.78 -20.46
C PHE A 271 -5.75 13.40 -19.39
N GLN A 272 -5.19 13.81 -18.25
CA GLN A 272 -6.02 14.42 -17.21
C GLN A 272 -5.29 15.50 -16.42
N GLY A 273 -3.99 15.65 -16.69
CA GLY A 273 -3.24 16.79 -16.21
C GLY A 273 -3.10 16.78 -14.71
N THR A 274 -3.00 15.59 -14.16
CA THR A 274 -2.87 15.38 -12.73
C THR A 274 -2.57 13.91 -12.53
N PRO A 275 -1.75 13.58 -11.52
CA PRO A 275 -1.37 12.17 -11.26
C PRO A 275 -2.58 11.24 -11.14
N VAL A 276 -3.47 11.54 -10.20
CA VAL A 276 -4.57 10.67 -9.90
C VAL A 276 -5.90 11.40 -10.00
N MET A 277 -6.85 10.80 -10.71
CA MET A 277 -8.22 11.24 -10.75
C MET A 277 -9.15 10.18 -10.21
N ASN A 278 -9.78 10.47 -9.07
CA ASN A 278 -10.76 9.54 -8.52
C ASN A 278 -12.04 9.63 -9.33
N TYR A 279 -12.72 8.51 -9.51
CA TYR A 279 -14.03 8.53 -10.16
C TYR A 279 -15.10 8.09 -9.15
N ASN A 280 -16.00 8.99 -8.79
CA ASN A 280 -16.86 8.68 -7.66
C ASN A 280 -18.25 8.21 -8.00
N ASP A 281 -18.64 8.36 -9.26
CA ASP A 281 -19.97 7.96 -9.73
C ASP A 281 -19.96 6.51 -10.15
N ALA A 282 -21.10 5.83 -9.97
CA ALA A 282 -21.18 4.40 -10.26
C ALA A 282 -21.09 4.09 -11.76
N GLU A 283 -21.46 5.04 -12.61
CA GLU A 283 -21.44 4.83 -14.06
C GLU A 283 -20.04 4.53 -14.64
N PHE A 284 -19.01 4.46 -13.79
CA PHE A 284 -17.68 4.02 -14.21
C PHE A 284 -17.24 2.81 -13.41
N PRO A 285 -16.79 1.75 -14.09
CA PRO A 285 -16.37 0.52 -13.41
C PRO A 285 -15.19 0.75 -12.45
N TYR A 286 -14.21 1.55 -12.87
CA TYR A 286 -13.01 1.78 -12.05
C TYR A 286 -13.16 2.83 -10.92
N THR A 287 -12.30 2.71 -9.91
CA THR A 287 -12.31 3.65 -8.78
C THR A 287 -11.50 4.89 -9.12
N ARG A 288 -10.40 4.72 -9.86
CA ARG A 288 -9.57 5.85 -10.21
C ARG A 288 -8.65 5.58 -11.40
N ILE A 289 -8.11 6.65 -11.96
CA ILE A 289 -7.14 6.55 -13.03
C ILE A 289 -5.84 7.24 -12.67
N HIS A 290 -4.74 6.50 -12.77
CA HIS A 290 -3.42 7.05 -12.59
C HIS A 290 -2.76 7.40 -13.92
N GLU A 291 -2.26 8.64 -14.07
CA GLU A 291 -1.46 8.97 -15.24
C GLU A 291 -0.02 9.23 -14.83
N PHE A 292 0.82 8.21 -15.00
CA PHE A 292 2.13 8.10 -14.34
C PHE A 292 3.19 9.14 -14.67
N ARG A 293 3.11 9.75 -15.84
CA ARG A 293 4.09 10.77 -16.16
C ARG A 293 4.02 11.92 -15.12
N HIS A 294 2.84 12.13 -14.53
CA HIS A 294 2.67 13.25 -13.62
C HIS A 294 3.29 12.98 -12.27
N PHE A 295 3.62 11.72 -12.04
CA PHE A 295 4.29 11.37 -10.80
C PHE A 295 5.71 11.87 -10.79
N HIS A 296 6.25 12.14 -11.96
CA HIS A 296 7.64 12.57 -12.06
C HIS A 296 7.83 13.71 -13.04
N PRO A 297 7.21 14.85 -12.78
CA PRO A 297 7.27 15.96 -13.75
C PRO A 297 8.71 16.46 -13.99
N GLU A 298 9.59 16.12 -13.06
CA GLU A 298 10.96 16.57 -13.16
C GLU A 298 11.66 15.90 -14.33
N ARG A 299 11.02 14.88 -14.92
CA ARG A 299 11.59 14.15 -16.06
C ARG A 299 11.02 14.54 -17.43
N GLU A 300 10.12 15.53 -17.48
CA GLU A 300 9.27 15.75 -18.67
C GLU A 300 10.06 15.82 -19.99
N ASP A 301 11.34 16.17 -19.93
CA ASP A 301 12.12 16.23 -21.17
C ASP A 301 12.74 14.89 -21.55
N ARG A 302 12.39 13.84 -20.81
CA ARG A 302 12.75 12.47 -21.19
C ARG A 302 11.49 11.66 -21.33
N HIS A 303 10.36 12.37 -21.34
CA HIS A 303 9.04 11.78 -21.51
C HIS A 303 8.57 12.05 -22.93
N PRO A 304 7.92 11.06 -23.55
CA PRO A 304 7.30 11.28 -24.87
C PRO A 304 6.40 12.52 -24.89
N LYS A 305 6.63 13.42 -25.85
CA LYS A 305 5.85 14.65 -25.95
C LYS A 305 4.41 14.39 -26.42
N ASP A 306 4.12 13.16 -26.87
CA ASP A 306 2.79 12.91 -27.45
C ASP A 306 2.11 11.64 -27.07
N LYS A 307 2.69 10.90 -26.14
CA LYS A 307 2.03 9.71 -25.64
C LYS A 307 2.01 9.79 -24.14
N THR A 308 1.02 9.14 -23.53
CA THR A 308 1.02 9.04 -22.09
C THR A 308 0.43 7.70 -21.66
N VAL A 309 1.04 7.07 -20.67
CA VAL A 309 0.53 5.82 -20.15
C VAL A 309 -0.42 6.04 -19.00
N ILE A 310 -1.66 5.59 -19.13
CA ILE A 310 -2.59 5.70 -18.01
C ILE A 310 -2.92 4.30 -17.54
N MET A 311 -3.70 4.18 -16.48
CA MET A 311 -3.99 2.90 -15.84
C MET A 311 -5.23 3.00 -14.98
N LYS A 312 -6.22 2.18 -15.29
CA LYS A 312 -7.48 2.20 -14.57
C LYS A 312 -7.47 1.10 -13.54
N GLU A 313 -8.03 1.40 -12.37
CA GLU A 313 -7.96 0.54 -11.21
C GLU A 313 -9.31 -0.06 -10.88
N TYR A 314 -9.39 -1.39 -10.87
CA TYR A 314 -10.63 -2.10 -10.58
C TYR A 314 -10.47 -2.97 -9.34
N SER A 315 -11.58 -3.14 -8.62
CA SER A 315 -11.54 -3.84 -7.34
C SER A 315 -12.60 -4.94 -7.25
N ARG A 316 -12.23 -6.06 -6.63
CA ARG A 316 -13.11 -7.20 -6.43
C ARG A 316 -12.47 -8.13 -5.41
N PHE A 317 -13.15 -9.23 -5.07
N PHE A 317 -13.13 -9.25 -5.10
CA PHE A 317 -12.62 -10.22 -4.14
CA PHE A 317 -12.59 -10.19 -4.12
C PHE A 317 -11.57 -11.11 -4.81
C PHE A 317 -11.63 -11.19 -4.77
N ALA A 318 -10.56 -11.50 -4.04
CA ALA A 318 -9.48 -12.31 -4.58
C ALA A 318 -9.82 -13.80 -4.59
N GLU A 319 -9.76 -14.38 -5.77
CA GLU A 319 -9.89 -15.81 -5.93
C GLU A 319 -8.47 -16.42 -6.01
N GLU A 320 -8.38 -17.71 -6.33
CA GLU A 320 -7.08 -18.36 -6.49
C GLU A 320 -6.18 -17.64 -7.49
N GLY A 321 -4.90 -17.50 -7.15
CA GLY A 321 -3.91 -16.98 -8.08
C GLY A 321 -3.98 -15.48 -8.26
N ASP A 322 -5.18 -14.93 -8.04
CA ASP A 322 -5.35 -13.49 -7.96
C ASP A 322 -4.45 -12.92 -6.88
N GLU A 323 -3.66 -11.89 -7.23
CA GLU A 323 -2.77 -11.27 -6.24
C GLU A 323 -3.53 -10.79 -5.00
N PRO A 324 -3.04 -11.15 -3.82
CA PRO A 324 -3.55 -10.55 -2.57
C PRO A 324 -3.04 -9.12 -2.40
N TYR A 325 -3.96 -8.18 -2.19
CA TYR A 325 -3.59 -6.79 -1.95
C TYR A 325 -4.00 -6.33 -0.54
N TYR A 326 -5.31 -6.26 -0.30
CA TYR A 326 -5.84 -5.77 0.97
C TYR A 326 -6.53 -6.89 1.78
N PRO A 327 -6.21 -7.00 3.09
CA PRO A 327 -6.91 -8.00 3.90
C PRO A 327 -8.36 -7.58 4.11
N ILE A 328 -9.27 -8.55 4.15
CA ILE A 328 -10.70 -8.25 4.28
C ILE A 328 -11.14 -8.11 5.75
N ASN A 329 -10.76 -9.08 6.58
CA ASN A 329 -10.98 -9.04 8.02
C ASN A 329 -12.44 -9.20 8.43
N THR A 330 -13.17 -10.06 7.73
CA THR A 330 -14.42 -10.57 8.26
C THR A 330 -14.09 -11.23 9.60
N PRO A 331 -15.04 -11.27 10.53
CA PRO A 331 -14.68 -11.94 11.78
C PRO A 331 -14.34 -13.41 11.51
N SER A 332 -15.02 -14.00 10.52
CA SER A 332 -14.69 -15.34 10.05
C SER A 332 -13.36 -15.36 9.26
N ASP A 333 -12.57 -14.29 9.40
CA ASP A 333 -11.20 -14.22 8.90
C ASP A 333 -10.20 -14.05 10.05
N ARG A 334 -10.53 -13.18 11.00
CA ARG A 334 -9.63 -12.86 12.11
C ARG A 334 -9.47 -14.03 13.11
N GLU A 335 -10.37 -15.01 13.06
CA GLU A 335 -10.32 -16.16 13.96
C GLU A 335 -9.28 -17.19 13.48
N MET A 336 -9.18 -17.36 12.17
CA MET A 336 -8.25 -18.34 11.63
C MET A 336 -6.89 -17.70 11.60
N LEU A 337 -6.85 -16.37 11.60
CA LEU A 337 -5.60 -15.67 11.88
C LEU A 337 -5.07 -16.09 13.25
N PHE A 338 -5.86 -15.79 14.29
CA PHE A 338 -5.47 -16.02 15.68
C PHE A 338 -4.84 -17.41 15.86
N LYS A 339 -5.41 -18.40 15.20
CA LYS A 339 -4.89 -19.76 15.25
C LYS A 339 -3.53 -19.87 14.53
N TYR A 340 -3.41 -19.26 13.37
CA TYR A 340 -2.14 -19.22 12.64
C TYR A 340 -1.00 -18.52 13.40
N ARG A 341 -1.33 -17.54 14.23
CA ARG A 341 -0.28 -16.84 14.99
C ARG A 341 0.32 -17.71 16.08
N GLU A 342 -0.40 -18.71 16.55
CA GLU A 342 0.21 -19.54 17.57
C GLU A 342 0.88 -20.72 16.87
N LEU A 343 0.36 -21.08 15.71
CA LEU A 343 1.10 -21.97 14.82
C LEU A 343 2.48 -21.39 14.52
N ALA A 344 2.51 -20.11 14.18
CA ALA A 344 3.74 -19.45 13.79
C ALA A 344 4.69 -19.31 14.98
N ASP A 345 4.16 -18.80 16.10
CA ASP A 345 4.95 -18.63 17.32
C ASP A 345 5.62 -19.92 17.75
N ALA A 346 4.92 -21.02 17.51
CA ALA A 346 5.42 -22.37 17.76
C ALA A 346 6.58 -22.64 16.84
N GLU A 347 6.27 -22.55 15.56
CA GLU A 347 7.23 -22.64 14.46
C GLU A 347 8.44 -21.73 14.63
N THR A 348 8.27 -20.59 15.29
CA THR A 348 9.41 -19.73 15.56
C THR A 348 10.31 -20.35 16.62
N GLU A 349 9.75 -20.93 17.68
CA GLU A 349 10.59 -21.56 18.71
C GLU A 349 10.91 -22.98 18.28
N SER A 350 10.06 -23.56 17.43
CA SER A 350 10.33 -24.87 16.85
C SER A 350 11.55 -24.83 15.90
N GLY A 351 11.46 -24.05 14.83
CA GLY A 351 12.45 -24.11 13.77
C GLY A 351 13.15 -22.81 13.37
N LYS A 352 13.21 -21.85 14.30
CA LYS A 352 13.86 -20.54 14.06
C LYS A 352 13.35 -19.86 12.78
N VAL A 353 12.03 -19.83 12.62
CA VAL A 353 11.42 -19.17 11.47
C VAL A 353 10.55 -18.02 11.90
N TYR A 354 10.96 -16.81 11.57
CA TYR A 354 10.22 -15.61 11.92
C TYR A 354 9.27 -15.17 10.81
N PHE A 355 8.12 -14.62 11.17
CA PHE A 355 7.12 -14.20 10.19
C PHE A 355 6.93 -12.69 10.22
N GLY A 356 7.06 -12.04 9.07
CA GLY A 356 7.00 -10.58 9.00
C GLY A 356 6.39 -10.09 7.70
N GLY A 357 6.19 -8.77 7.61
CA GLY A 357 5.70 -8.17 6.39
C GLY A 357 4.23 -8.43 6.13
N ARG A 358 3.66 -7.77 5.13
CA ARG A 358 2.22 -7.78 4.94
C ARG A 358 1.62 -9.17 4.67
N LEU A 359 2.31 -10.02 3.92
CA LEU A 359 1.75 -11.34 3.63
C LEU A 359 1.88 -12.29 4.82
N GLY A 360 3.05 -12.27 5.46
CA GLY A 360 3.32 -13.15 6.58
C GLY A 360 2.69 -12.74 7.90
N THR A 361 1.92 -11.68 7.92
CA THR A 361 1.24 -11.30 9.14
C THR A 361 -0.21 -10.93 8.84
N TYR A 362 -0.58 -10.89 7.55
CA TYR A 362 -1.95 -10.58 7.12
C TYR A 362 -2.36 -9.23 7.66
N GLN A 363 -1.73 -8.19 7.12
CA GLN A 363 -1.83 -6.89 7.71
C GLN A 363 -1.51 -5.90 6.62
N TYR A 364 -2.32 -4.85 6.44
CA TYR A 364 -1.91 -3.84 5.48
C TYR A 364 -0.79 -3.01 6.10
N LEU A 365 0.29 -2.83 5.35
CA LEU A 365 1.35 -1.95 5.79
C LEU A 365 1.69 -0.93 4.73
N ASP A 366 1.67 0.34 5.09
CA ASP A 366 2.34 1.33 4.26
C ASP A 366 3.81 0.96 4.22
N MET A 367 4.53 1.57 3.30
CA MET A 367 5.91 1.23 3.09
C MET A 367 6.75 1.56 4.29
N HIS A 368 6.51 2.73 4.86
CA HIS A 368 7.28 3.13 6.03
C HIS A 368 6.89 2.29 7.23
N MET A 369 5.64 1.85 7.25
CA MET A 369 5.20 0.98 8.33
C MET A 369 5.89 -0.38 8.31
N ALA A 370 5.95 -0.99 7.12
CA ALA A 370 6.67 -2.24 6.89
C ALA A 370 8.15 -2.14 7.25
N ILE A 371 8.78 -1.07 6.79
CA ILE A 371 10.18 -0.81 7.12
C ILE A 371 10.40 -0.64 8.61
N ALA A 372 9.49 0.08 9.26
CA ALA A 372 9.56 0.19 10.71
C ALA A 372 9.39 -1.18 11.34
N SER A 373 8.42 -1.94 10.85
CA SER A 373 8.15 -3.25 11.40
C SER A 373 9.37 -4.16 11.27
N ALA A 374 10.05 -4.06 10.14
CA ALA A 374 11.24 -4.85 9.89
C ALA A 374 12.34 -4.43 10.84
N LEU A 375 12.56 -3.12 10.97
CA LEU A 375 13.61 -2.59 11.83
C LEU A 375 13.37 -2.97 13.28
N SER A 376 12.08 -3.03 13.67
CA SER A 376 11.72 -3.47 15.01
C SER A 376 12.15 -4.90 15.20
N MET A 377 11.66 -5.79 14.32
CA MET A 377 12.00 -7.21 14.37
C MET A 377 13.49 -7.46 14.31
N PHE A 378 14.22 -6.67 13.52
CA PHE A 378 15.66 -6.80 13.51
C PHE A 378 16.26 -6.58 14.89
N ASP A 379 15.99 -5.41 15.47
CA ASP A 379 16.56 -5.01 16.75
C ASP A 379 16.12 -5.88 17.94
N ASN A 380 14.86 -6.31 17.94
CA ASN A 380 14.28 -7.04 19.08
C ASN A 380 14.29 -8.55 18.97
N LYS A 381 14.24 -9.09 17.77
CA LYS A 381 14.30 -10.55 17.62
C LYS A 381 15.61 -11.06 17.01
N LEU A 382 16.11 -10.42 15.97
CA LEU A 382 17.12 -11.06 15.15
C LEU A 382 18.53 -10.88 15.66
N VAL A 383 18.80 -9.75 16.29
CA VAL A 383 20.13 -9.49 16.81
C VAL A 383 20.55 -10.60 17.80
N ASP A 384 19.61 -11.04 18.63
CA ASP A 384 19.86 -12.15 19.53
C ASP A 384 19.97 -13.48 18.78
N ALA A 385 19.08 -13.67 17.80
CA ALA A 385 19.03 -14.91 17.06
C ALA A 385 20.26 -15.20 16.18
N LEU A 386 21.25 -14.32 16.17
CA LEU A 386 22.40 -14.49 15.30
C LEU A 386 23.76 -14.36 16.01
N LYS A 387 23.85 -14.74 17.28
CA LYS A 387 25.10 -14.56 18.02
C LYS A 387 25.69 -15.85 18.59
#